data_1V7A
#
_entry.id   1V7A
#
_cell.length_a   77.52
_cell.length_b   77.52
_cell.length_c   136.2
_cell.angle_alpha   90
_cell.angle_beta   90
_cell.angle_gamma   90
#
_symmetry.space_group_name_H-M   'P 43 21 2'
#
loop_
_entity.id
_entity.type
_entity.pdbx_description
1 polymer 'adenosine deaminase'
2 non-polymer 'ZINC ION'
3 non-polymer 1-{(1R,2S)-2-HYDROXY-1-[2-(2-NAPHTHYLOXY)ETHYL]PROPYL}-1H-IMIDAZONE-4-CARBOXAMIDE
4 water water
#
_entity_poly.entity_id   1
_entity_poly.type   'polypeptide(L)'
_entity_poly.pdbx_seq_one_letter_code
;AQTPAFDKPKVELHVHLDGAIKPETILYYGKRRGIALPADTPEELQNIIGMDKPLTLPDFLAKFDYYMPAIAGCRDAIKR
IAYEFVEMKAKDGVVYVEVRYSPHLLANSKVEPIPWNQAEGDLTPDEVVSLVNQGLQEGERDFGVKVRSILCCMRHQPSW
SSEVVELCKKYREQTVVAIDLAGDETIEGSSLFPGHVQAYAEAVKSGVHRTVHAGEVGSANVVKEAVDTLKTERLGHGYH
TLEDTTLYNRLRQENMHFEICPWSSYLTGAWKPDTEHAVIRFKNDQVNYSLNTDDPLIFKSTLDTDYQMTKKDMGFTEEE
FKRLNINAAKSSFLPEDEKKELLDLLYKAYRMPSPA
;
_entity_poly.pdbx_strand_id   A
#
# COMPACT_ATOMS: atom_id res chain seq x y z
N THR A 3 8.56 0.55 -25.24
CA THR A 3 8.93 0.74 -23.80
C THR A 3 8.83 -0.43 -22.81
N PRO A 4 7.59 -0.86 -22.47
CA PRO A 4 7.32 -1.57 -21.18
C PRO A 4 8.29 -2.64 -20.66
N ALA A 5 8.88 -2.38 -19.47
CA ALA A 5 9.72 -3.46 -18.89
C ALA A 5 9.19 -4.90 -18.82
N PHE A 6 7.89 -5.08 -18.55
CA PHE A 6 7.36 -6.45 -18.43
C PHE A 6 5.90 -6.51 -18.81
N ASP A 7 5.71 -6.56 -20.13
CA ASP A 7 4.38 -6.51 -20.73
C ASP A 7 3.49 -7.78 -20.61
N LYS A 8 3.35 -8.24 -19.36
CA LYS A 8 2.54 -9.42 -19.03
C LYS A 8 1.63 -9.06 -17.84
N PRO A 9 0.66 -9.94 -17.52
CA PRO A 9 -0.03 -9.86 -16.24
C PRO A 9 0.83 -9.75 -14.97
N LYS A 10 0.45 -8.72 -14.23
CA LYS A 10 1.03 -8.44 -12.92
C LYS A 10 0.11 -8.61 -11.70
N VAL A 11 0.76 -8.96 -10.60
CA VAL A 11 0.09 -8.78 -9.30
C VAL A 11 0.76 -7.72 -8.44
N GLU A 12 -0.12 -6.91 -7.87
CA GLU A 12 0.41 -5.90 -6.94
C GLU A 12 -0.29 -5.88 -5.55
N LEU A 13 0.50 -5.86 -4.44
CA LEU A 13 -0.03 -6.08 -3.03
C LEU A 13 0.07 -4.97 -1.95
N HIS A 14 0.79 -3.91 -2.35
CA HIS A 14 1.34 -2.73 -1.64
C HIS A 14 1.33 -1.42 -2.46
N VAL A 15 0.15 -0.81 -2.41
CA VAL A 15 -0.20 0.48 -3.03
C VAL A 15 -1.24 1.21 -2.18
N HIS A 16 -0.99 2.50 -1.92
CA HIS A 16 -1.98 3.24 -1.12
C HIS A 16 -2.95 4.05 -1.98
N LEU A 17 -4.27 3.87 -1.74
CA LEU A 17 -5.35 4.61 -2.47
C LEU A 17 -5.20 6.11 -2.61
N ASP A 18 -4.97 6.65 -1.42
CA ASP A 18 -4.61 8.06 -1.20
C ASP A 18 -3.19 8.51 -1.55
N GLY A 19 -2.37 7.50 -1.85
CA GLY A 19 -1.19 7.80 -2.67
C GLY A 19 -1.36 7.57 -4.19
N ALA A 20 -2.62 7.32 -4.62
CA ALA A 20 -2.84 6.91 -6.01
C ALA A 20 -4.05 7.57 -6.63
N ILE A 21 -3.93 8.90 -6.57
CA ILE A 21 -5.03 9.74 -6.99
C ILE A 21 -4.61 10.60 -8.18
N LYS A 22 -5.49 10.57 -9.17
CA LYS A 22 -5.20 11.50 -10.25
C LYS A 22 -5.19 13.01 -9.88
N PRO A 23 -4.03 13.65 -10.19
CA PRO A 23 -3.88 15.10 -9.88
C PRO A 23 -5.07 15.99 -10.28
N GLU A 24 -5.54 15.72 -11.49
CA GLU A 24 -6.74 16.29 -12.14
C GLU A 24 -8.02 16.14 -11.33
N THR A 25 -8.10 15.00 -10.66
CA THR A 25 -9.24 14.88 -9.75
C THR A 25 -9.06 15.41 -8.33
N ILE A 26 -7.78 15.58 -7.94
CA ILE A 26 -7.50 16.50 -6.82
C ILE A 26 -7.86 17.97 -7.13
N LEU A 27 -7.43 18.49 -8.31
CA LEU A 27 -7.92 19.84 -8.68
C LEU A 27 -9.45 20.00 -8.73
N TYR A 28 -10.10 19.12 -9.52
CA TYR A 28 -11.58 19.03 -9.50
C TYR A 28 -12.25 19.27 -8.13
N TYR A 29 -11.64 18.64 -7.13
CA TYR A 29 -12.24 18.69 -5.80
C TYR A 29 -11.88 19.78 -4.85
N GLY A 30 -10.65 20.23 -5.03
CA GLY A 30 -10.33 21.50 -4.40
C GLY A 30 -11.09 22.68 -5.02
N LYS A 31 -10.89 22.86 -6.34
CA LYS A 31 -11.69 23.87 -7.06
C LYS A 31 -13.21 23.76 -6.84
N ARG A 32 -13.67 22.50 -6.80
CA ARG A 32 -14.98 22.38 -6.16
C ARG A 32 -15.27 22.87 -4.72
N ARG A 33 -14.55 22.26 -3.78
CA ARG A 33 -14.95 22.47 -2.38
C ARG A 33 -14.46 23.79 -1.77
N GLY A 34 -13.62 24.47 -2.59
CA GLY A 34 -12.78 25.53 -2.08
C GLY A 34 -11.58 25.03 -1.31
N ILE A 35 -10.67 24.33 -2.00
CA ILE A 35 -9.56 23.95 -1.11
C ILE A 35 -8.31 24.85 -0.96
N ALA A 36 -7.75 25.37 -2.07
CA ALA A 36 -6.42 26.01 -2.13
C ALA A 36 -5.30 25.00 -2.19
N LEU A 37 -4.51 25.21 -3.22
CA LEU A 37 -3.68 24.06 -3.55
C LEU A 37 -2.42 24.61 -4.13
N PRO A 38 -1.27 23.95 -3.91
CA PRO A 38 -0.04 24.45 -4.57
C PRO A 38 -0.15 25.08 -5.97
N ALA A 39 -1.04 24.53 -6.83
CA ALA A 39 -1.53 25.38 -7.94
C ALA A 39 -2.89 25.00 -8.55
N ASP A 40 -3.11 25.49 -9.78
CA ASP A 40 -4.34 24.98 -10.41
C ASP A 40 -4.38 24.36 -11.81
N THR A 41 -3.19 23.84 -12.14
CA THR A 41 -3.11 23.04 -13.36
C THR A 41 -2.55 21.65 -13.05
N PRO A 42 -3.01 20.61 -13.77
CA PRO A 42 -2.49 19.29 -13.43
C PRO A 42 -0.98 19.08 -13.54
N GLU A 43 -0.35 19.71 -14.55
CA GLU A 43 1.11 19.49 -14.68
C GLU A 43 1.96 19.99 -13.50
N GLU A 44 1.63 21.24 -13.15
CA GLU A 44 2.10 21.85 -11.89
C GLU A 44 1.92 21.01 -10.68
N LEU A 45 0.65 20.63 -10.60
CA LEU A 45 0.19 19.84 -9.45
C LEU A 45 0.90 18.58 -9.18
N GLN A 46 0.97 17.80 -10.27
CA GLN A 46 1.88 16.69 -10.09
C GLN A 46 3.26 17.12 -9.74
N ASN A 47 3.74 18.14 -10.45
CA ASN A 47 5.14 18.41 -10.12
C ASN A 47 5.46 18.86 -8.68
N ILE A 48 4.44 19.42 -8.04
CA ILE A 48 4.70 19.67 -6.61
C ILE A 48 4.34 18.53 -5.65
N ILE A 49 3.26 17.79 -5.96
CA ILE A 49 3.29 16.65 -5.03
C ILE A 49 4.14 15.42 -5.32
N GLY A 50 4.54 15.42 -6.59
CA GLY A 50 5.72 14.67 -7.02
C GLY A 50 6.97 14.91 -6.17
N MET A 51 7.56 13.80 -5.77
CA MET A 51 8.91 14.04 -5.34
C MET A 51 9.89 13.64 -6.40
N ASP A 52 11.12 14.07 -6.18
CA ASP A 52 12.15 13.39 -6.98
C ASP A 52 13.51 13.35 -6.30
N LYS A 53 13.34 13.39 -4.99
CA LYS A 53 14.37 13.70 -4.00
C LYS A 53 13.81 13.21 -2.70
N PRO A 54 14.64 12.42 -1.97
CA PRO A 54 14.39 12.24 -0.55
C PRO A 54 14.14 13.55 0.19
N LEU A 55 13.25 13.46 1.19
CA LEU A 55 12.97 14.63 2.04
C LEU A 55 12.91 14.22 3.48
N THR A 56 13.05 15.22 4.38
CA THR A 56 12.56 14.90 5.75
C THR A 56 11.11 14.37 5.88
N LEU A 57 10.87 13.69 7.01
CA LEU A 57 9.48 13.29 7.30
C LEU A 57 8.44 14.45 7.33
N PRO A 58 8.65 15.53 8.14
CA PRO A 58 7.98 16.83 7.89
C PRO A 58 7.59 17.20 6.45
N ASP A 59 8.66 17.46 5.67
CA ASP A 59 8.60 17.77 4.25
C ASP A 59 7.71 16.74 3.45
N PHE A 60 7.86 15.43 3.80
CA PHE A 60 6.97 14.35 3.26
C PHE A 60 5.51 14.29 3.73
N LEU A 61 5.28 14.59 5.02
CA LEU A 61 3.87 14.56 5.40
C LEU A 61 3.08 15.80 5.04
N ALA A 62 3.86 16.88 4.84
CA ALA A 62 3.12 18.05 4.40
C ALA A 62 2.37 17.87 3.07
N LYS A 63 3.00 17.12 2.13
CA LYS A 63 2.19 16.74 0.94
C LYS A 63 0.78 16.17 1.12
N PHE A 64 0.70 15.26 2.11
CA PHE A 64 -0.62 14.70 2.43
C PHE A 64 -1.55 15.81 2.97
N ASP A 65 -0.95 16.68 3.82
CA ASP A 65 -1.61 17.96 4.11
C ASP A 65 -2.16 18.84 3.00
N TYR A 66 -1.48 18.88 1.85
CA TYR A 66 -2.19 19.63 0.80
C TYR A 66 -3.39 18.93 0.14
N TYR A 67 -3.14 17.70 -0.31
CA TYR A 67 -4.16 17.12 -1.19
C TYR A 67 -5.25 16.28 -0.59
N MET A 68 -4.91 15.67 0.55
CA MET A 68 -5.99 14.95 1.25
C MET A 68 -7.29 15.70 1.57
N PRO A 69 -7.24 16.97 2.08
CA PRO A 69 -8.48 17.73 2.30
C PRO A 69 -9.28 18.05 1.05
N ALA A 70 -8.64 17.89 -0.12
CA ALA A 70 -9.57 17.94 -1.25
C ALA A 70 -10.51 16.73 -1.42
N ILE A 71 -10.01 15.56 -0.95
CA ILE A 71 -10.82 14.32 -1.05
C ILE A 71 -11.54 13.87 0.22
N ALA A 72 -10.83 13.98 1.37
CA ALA A 72 -11.44 13.56 2.65
C ALA A 72 -12.68 14.36 3.03
N GLY A 73 -13.62 13.64 3.63
CA GLY A 73 -14.91 14.34 3.72
C GLY A 73 -15.85 14.45 2.48
N CYS A 74 -15.29 14.21 1.29
CA CYS A 74 -16.27 14.13 0.20
C CYS A 74 -16.66 12.75 -0.32
N ARG A 75 -17.90 12.36 0.00
CA ARG A 75 -18.48 11.19 -0.69
C ARG A 75 -18.29 10.98 -2.19
N ASP A 76 -18.68 11.95 -3.09
CA ASP A 76 -18.28 11.59 -4.48
C ASP A 76 -16.82 11.33 -4.74
N ALA A 77 -15.99 12.16 -4.09
CA ALA A 77 -14.53 11.89 -4.06
C ALA A 77 -13.97 10.55 -3.58
N ILE A 78 -14.43 10.08 -2.40
CA ILE A 78 -13.97 8.74 -1.93
C ILE A 78 -14.31 7.63 -2.97
N LYS A 79 -15.60 7.72 -3.37
CA LYS A 79 -16.05 6.85 -4.47
C LYS A 79 -15.28 6.88 -5.76
N ARG A 80 -15.11 8.12 -6.19
CA ARG A 80 -14.35 8.32 -7.43
C ARG A 80 -12.88 7.91 -7.36
N ILE A 81 -12.15 8.22 -6.27
CA ILE A 81 -10.73 7.76 -6.28
C ILE A 81 -10.56 6.25 -6.30
N ALA A 82 -11.46 5.60 -5.54
CA ALA A 82 -11.41 4.13 -5.63
C ALA A 82 -11.65 3.57 -7.03
N TYR A 83 -12.71 4.13 -7.63
CA TYR A 83 -13.01 3.80 -9.03
C TYR A 83 -11.94 4.12 -10.09
N GLU A 84 -11.37 5.32 -9.95
CA GLU A 84 -10.23 5.70 -10.82
C GLU A 84 -8.93 4.90 -10.62
N PHE A 85 -8.78 4.44 -9.39
CA PHE A 85 -7.58 3.64 -9.15
C PHE A 85 -7.50 2.31 -9.89
N VAL A 86 -8.68 1.63 -9.87
CA VAL A 86 -8.84 0.34 -10.54
C VAL A 86 -8.45 0.45 -12.01
N GLU A 87 -9.09 1.47 -12.61
CA GLU A 87 -8.66 2.01 -13.90
C GLU A 87 -7.14 2.20 -14.14
N MET A 88 -6.48 3.03 -13.28
CA MET A 88 -4.99 3.15 -13.32
C MET A 88 -4.23 1.83 -13.45
N LYS A 89 -4.62 0.94 -12.53
CA LYS A 89 -4.04 -0.41 -12.47
C LYS A 89 -4.31 -1.34 -13.68
N ALA A 90 -5.47 -1.13 -14.31
CA ALA A 90 -5.71 -1.85 -15.58
C ALA A 90 -4.83 -1.41 -16.74
N LYS A 91 -4.61 -0.07 -16.76
CA LYS A 91 -3.57 0.50 -17.65
C LYS A 91 -2.10 0.12 -17.31
N ASP A 92 -1.95 -0.33 -16.05
CA ASP A 92 -0.75 -1.13 -15.73
C ASP A 92 -0.66 -2.60 -16.09
N GLY A 93 -1.75 -3.20 -16.56
CA GLY A 93 -1.73 -4.65 -16.77
C GLY A 93 -1.82 -5.49 -15.51
N VAL A 94 -2.26 -4.83 -14.42
CA VAL A 94 -2.56 -5.70 -13.29
C VAL A 94 -3.87 -6.50 -13.40
N VAL A 95 -3.72 -7.75 -12.95
CA VAL A 95 -4.92 -8.60 -12.90
C VAL A 95 -5.51 -8.84 -11.52
N TYR A 96 -4.63 -8.70 -10.53
CA TYR A 96 -5.10 -8.60 -9.15
C TYR A 96 -4.29 -7.58 -8.36
N VAL A 97 -5.07 -6.71 -7.73
CA VAL A 97 -4.40 -5.81 -6.79
C VAL A 97 -5.08 -5.84 -5.41
N GLU A 98 -4.19 -5.80 -4.41
CA GLU A 98 -4.64 -5.33 -3.13
C GLU A 98 -4.30 -3.87 -2.97
N VAL A 99 -5.33 -3.19 -2.52
CA VAL A 99 -5.13 -1.79 -2.22
C VAL A 99 -5.34 -1.46 -0.76
N ARG A 100 -4.43 -0.64 -0.22
CA ARG A 100 -4.61 -0.28 1.19
C ARG A 100 -4.76 1.21 1.42
N TYR A 101 -5.38 1.44 2.57
CA TYR A 101 -5.62 2.81 3.01
C TYR A 101 -6.14 2.86 4.45
N SER A 102 -5.97 4.04 5.02
CA SER A 102 -6.70 4.35 6.26
C SER A 102 -8.04 5.11 6.11
N PRO A 103 -9.14 4.45 6.56
CA PRO A 103 -10.43 5.14 6.44
C PRO A 103 -10.64 6.34 7.35
N HIS A 104 -10.00 6.28 8.52
CA HIS A 104 -10.00 7.44 9.42
C HIS A 104 -9.43 8.71 8.79
N LEU A 105 -8.43 8.47 7.93
CA LEU A 105 -7.86 9.60 7.17
C LEU A 105 -8.62 10.04 5.90
N LEU A 106 -9.69 9.33 5.60
CA LEU A 106 -10.68 9.99 4.72
C LEU A 106 -11.90 10.56 5.46
N ALA A 107 -11.96 10.25 6.75
CA ALA A 107 -13.17 10.67 7.45
C ALA A 107 -13.13 12.09 8.02
N ASN A 108 -14.33 12.62 8.23
CA ASN A 108 -14.41 13.89 8.98
C ASN A 108 -15.39 13.92 10.15
N SER A 109 -15.79 12.72 10.52
CA SER A 109 -16.72 12.58 11.66
C SER A 109 -16.57 11.21 12.26
N LYS A 110 -17.13 11.07 13.49
CA LYS A 110 -16.54 10.23 14.55
C LYS A 110 -15.15 9.64 14.33
N VAL A 111 -14.30 10.65 14.29
CA VAL A 111 -12.85 10.49 14.22
C VAL A 111 -12.15 11.56 15.03
N GLU A 112 -11.42 11.07 16.02
CA GLU A 112 -10.67 12.07 16.78
C GLU A 112 -9.19 11.68 16.92
N PRO A 113 -8.25 12.62 16.58
CA PRO A 113 -8.48 14.00 16.10
C PRO A 113 -9.02 14.04 14.66
N ILE A 114 -9.82 15.07 14.34
CA ILE A 114 -10.22 15.04 12.93
C ILE A 114 -9.03 15.38 12.00
N PRO A 115 -8.73 14.51 11.01
CA PRO A 115 -7.49 14.82 10.26
C PRO A 115 -7.60 15.94 9.23
N TRP A 116 -6.40 16.44 8.89
CA TRP A 116 -6.21 17.35 7.74
C TRP A 116 -6.66 18.78 7.94
N ASN A 117 -6.62 19.17 9.22
CA ASN A 117 -7.39 20.39 9.57
C ASN A 117 -8.87 20.49 9.12
N GLN A 118 -9.45 19.35 8.72
CA GLN A 118 -10.83 19.42 8.24
C GLN A 118 -11.83 19.95 9.26
N ALA A 119 -12.98 20.48 8.80
CA ALA A 119 -13.99 20.62 9.86
C ALA A 119 -14.84 19.38 9.99
N GLU A 120 -15.44 19.21 11.17
CA GLU A 120 -16.47 18.19 11.02
C GLU A 120 -17.76 18.64 10.32
N GLY A 121 -18.56 17.60 10.13
CA GLY A 121 -18.84 17.05 8.80
C GLY A 121 -19.62 15.75 9.04
N ASP A 122 -20.13 15.12 7.97
CA ASP A 122 -20.87 13.87 8.32
C ASP A 122 -20.39 12.51 7.79
N LEU A 123 -19.13 12.55 7.35
CA LEU A 123 -18.49 11.34 6.85
C LEU A 123 -17.69 10.51 7.86
N THR A 124 -18.25 9.34 8.13
CA THR A 124 -17.59 8.53 9.17
C THR A 124 -16.68 7.45 8.61
N PRO A 125 -15.71 6.95 9.44
CA PRO A 125 -14.76 5.93 8.95
C PRO A 125 -15.38 4.72 8.24
N ASP A 126 -16.35 4.10 8.95
CA ASP A 126 -17.24 3.09 8.34
C ASP A 126 -17.85 3.41 6.96
N GLU A 127 -18.37 4.65 6.85
CA GLU A 127 -18.96 5.16 5.61
C GLU A 127 -17.93 5.22 4.44
N VAL A 128 -16.74 5.81 4.74
CA VAL A 128 -15.57 5.76 3.84
C VAL A 128 -15.25 4.42 3.15
N VAL A 129 -15.16 3.41 4.01
CA VAL A 129 -14.94 2.05 3.47
C VAL A 129 -16.09 1.46 2.62
N SER A 130 -17.34 1.80 3.02
CA SER A 130 -18.48 1.57 2.09
C SER A 130 -18.32 2.15 0.70
N LEU A 131 -17.98 3.45 0.73
CA LEU A 131 -17.76 4.05 -0.56
C LEU A 131 -16.63 3.43 -1.33
N VAL A 132 -15.38 3.57 -0.78
CA VAL A 132 -14.19 2.95 -1.39
C VAL A 132 -14.50 1.65 -2.06
N ASN A 133 -15.20 0.82 -1.28
CA ASN A 133 -15.34 -0.53 -1.86
C ASN A 133 -16.41 -0.72 -2.94
N GLN A 134 -17.53 0.02 -2.77
CA GLN A 134 -18.34 0.44 -3.93
C GLN A 134 -17.53 0.84 -5.20
N GLY A 135 -16.59 1.75 -4.98
CA GLY A 135 -15.74 2.13 -6.11
C GLY A 135 -14.84 1.04 -6.71
N LEU A 136 -14.15 0.30 -5.82
CA LEU A 136 -13.37 -0.87 -6.25
C LEU A 136 -14.16 -1.92 -6.99
N GLN A 137 -15.37 -2.15 -6.45
CA GLN A 137 -16.20 -3.20 -7.05
C GLN A 137 -16.60 -2.85 -8.47
N GLU A 138 -17.29 -1.70 -8.61
CA GLU A 138 -17.70 -1.31 -9.99
C GLU A 138 -16.54 -1.06 -10.96
N GLY A 139 -15.50 -0.50 -10.36
CA GLY A 139 -14.23 -0.54 -11.11
C GLY A 139 -13.66 -1.91 -11.48
N GLU A 140 -13.86 -2.89 -10.58
CA GLU A 140 -13.62 -4.29 -11.00
C GLU A 140 -14.46 -4.69 -12.21
N ARG A 141 -15.78 -4.47 -12.05
CA ARG A 141 -16.77 -4.74 -13.11
C ARG A 141 -16.46 -4.18 -14.49
N ASP A 142 -15.96 -2.93 -14.46
CA ASP A 142 -15.75 -2.27 -15.76
C ASP A 142 -14.36 -2.40 -16.37
N PHE A 143 -13.37 -2.51 -15.49
CA PHE A 143 -11.97 -2.45 -15.96
C PHE A 143 -11.26 -3.76 -16.13
N GLY A 144 -11.80 -4.76 -15.42
CA GLY A 144 -11.24 -6.11 -15.59
C GLY A 144 -10.12 -6.51 -14.59
N VAL A 145 -9.97 -5.66 -13.57
CA VAL A 145 -8.98 -6.05 -12.58
C VAL A 145 -9.66 -6.65 -11.36
N LYS A 146 -9.05 -7.71 -10.87
CA LYS A 146 -9.59 -8.23 -9.63
C LYS A 146 -8.94 -7.58 -8.39
N VAL A 147 -9.85 -7.01 -7.58
CA VAL A 147 -9.45 -6.03 -6.53
C VAL A 147 -9.98 -6.30 -5.11
N ARG A 148 -9.02 -6.37 -4.18
CA ARG A 148 -9.39 -6.25 -2.79
C ARG A 148 -8.73 -5.09 -2.04
N SER A 149 -9.24 -4.83 -0.81
CA SER A 149 -8.67 -3.76 0.04
C SER A 149 -8.17 -4.15 1.43
N ILE A 150 -7.16 -3.38 1.87
CA ILE A 150 -6.52 -3.63 3.17
C ILE A 150 -6.73 -2.38 4.05
N LEU A 151 -7.27 -2.58 5.27
CA LEU A 151 -7.44 -1.33 6.06
C LEU A 151 -6.25 -1.06 6.97
N CYS A 152 -5.92 0.24 7.07
CA CYS A 152 -4.66 0.57 7.79
C CYS A 152 -4.81 1.19 9.16
N CYS A 153 -4.41 0.46 10.21
CA CYS A 153 -4.10 1.20 11.46
C CYS A 153 -2.94 2.19 11.31
N MET A 154 -2.98 3.28 12.07
CA MET A 154 -1.78 4.11 12.03
C MET A 154 -0.95 4.01 13.31
N ARG A 155 0.39 3.95 13.14
CA ARG A 155 1.29 3.72 14.30
C ARG A 155 1.30 4.72 15.45
N HIS A 156 1.11 5.97 15.04
CA HIS A 156 0.93 6.95 16.11
C HIS A 156 -0.47 7.00 16.74
N GLN A 157 -1.38 6.18 16.21
CA GLN A 157 -2.76 6.32 16.70
C GLN A 157 -3.50 5.02 17.04
N PRO A 158 -2.96 4.34 18.11
CA PRO A 158 -3.47 3.01 18.47
C PRO A 158 -4.94 2.95 18.87
N SER A 159 -5.43 4.11 19.30
CA SER A 159 -6.88 4.32 19.51
C SER A 159 -7.82 3.99 18.38
N TRP A 160 -7.31 4.11 17.15
CA TRP A 160 -8.18 3.65 16.05
C TRP A 160 -8.16 2.16 15.77
N SER A 161 -7.17 1.49 16.38
CA SER A 161 -6.82 0.16 15.87
C SER A 161 -7.87 -0.91 15.94
N SER A 162 -8.54 -0.92 17.10
CA SER A 162 -9.73 -1.78 17.08
C SER A 162 -10.93 -1.37 16.27
N GLU A 163 -11.07 -0.08 16.01
CA GLU A 163 -12.09 0.13 15.00
C GLU A 163 -11.73 -0.34 13.57
N VAL A 164 -10.45 -0.14 13.24
CA VAL A 164 -9.80 -0.81 12.09
C VAL A 164 -10.06 -2.33 11.94
N VAL A 165 -9.60 -3.11 12.95
CA VAL A 165 -10.04 -4.52 13.06
C VAL A 165 -11.52 -4.76 12.68
N GLU A 166 -12.38 -3.95 13.31
CA GLU A 166 -13.81 -4.32 13.22
C GLU A 166 -14.45 -4.08 11.90
N LEU A 167 -13.93 -3.02 11.26
CA LEU A 167 -14.23 -2.75 9.86
C LEU A 167 -13.85 -3.91 8.96
N CYS A 168 -12.58 -4.32 9.08
CA CYS A 168 -12.23 -5.59 8.39
C CYS A 168 -13.10 -6.82 8.58
N LYS A 169 -13.48 -7.04 9.83
CA LYS A 169 -14.52 -8.07 9.97
C LYS A 169 -15.89 -7.77 9.38
N LYS A 170 -16.34 -6.54 9.63
CA LYS A 170 -17.64 -6.08 9.10
C LYS A 170 -17.85 -6.19 7.57
N TYR A 171 -16.76 -5.87 6.88
CA TYR A 171 -16.80 -5.81 5.42
C TYR A 171 -15.96 -6.87 4.67
N ARG A 172 -15.68 -7.97 5.39
CA ARG A 172 -14.71 -8.94 4.89
C ARG A 172 -15.14 -9.75 3.69
N GLU A 173 -14.13 -10.04 2.83
CA GLU A 173 -14.22 -10.75 1.53
C GLU A 173 -14.84 -10.10 0.26
N GLN A 174 -14.97 -8.78 0.40
CA GLN A 174 -15.70 -7.78 -0.42
C GLN A 174 -16.00 -6.47 0.33
N THR A 175 -15.02 -5.58 0.29
CA THR A 175 -13.77 -6.03 -0.33
C THR A 175 -12.62 -6.26 0.60
N VAL A 176 -12.94 -6.26 1.90
CA VAL A 176 -11.70 -6.21 2.67
C VAL A 176 -11.08 -7.54 3.14
N VAL A 177 -9.80 -7.62 2.76
CA VAL A 177 -9.17 -8.88 3.15
C VAL A 177 -8.09 -8.90 4.21
N ALA A 178 -7.73 -7.70 4.73
CA ALA A 178 -6.63 -7.70 5.71
C ALA A 178 -6.38 -6.39 6.48
N ILE A 179 -5.57 -6.51 7.56
CA ILE A 179 -5.12 -5.31 8.27
C ILE A 179 -3.69 -4.94 7.93
N ASP A 180 -3.49 -3.64 7.97
CA ASP A 180 -2.13 -3.14 7.89
C ASP A 180 -1.85 -2.18 9.06
N LEU A 181 -0.56 -1.97 9.24
CA LEU A 181 -0.09 -0.96 10.17
C LEU A 181 0.85 -0.03 9.44
N ALA A 182 0.44 1.23 9.50
CA ALA A 182 1.10 2.21 8.69
C ALA A 182 1.38 3.53 9.35
N GLY A 183 2.26 4.23 8.63
CA GLY A 183 2.87 5.52 8.96
C GLY A 183 3.82 5.58 10.16
N ASP A 184 5.15 5.69 9.90
CA ASP A 184 6.07 5.99 10.99
C ASP A 184 6.35 4.93 12.08
N GLU A 185 6.82 3.83 11.51
CA GLU A 185 7.85 2.99 12.15
C GLU A 185 8.72 3.46 13.31
N THR A 186 9.18 4.72 13.18
CA THR A 186 10.15 5.16 14.18
C THR A 186 9.63 5.55 15.54
N ILE A 187 8.31 5.78 15.63
CA ILE A 187 7.94 5.98 17.03
C ILE A 187 8.17 4.78 17.94
N GLU A 188 8.90 5.11 19.02
CA GLU A 188 9.40 4.12 19.97
C GLU A 188 8.41 3.15 20.57
N GLY A 189 8.71 1.84 20.48
CA GLY A 189 7.69 0.93 21.04
C GLY A 189 6.35 0.80 20.30
N SER A 190 6.21 1.53 19.19
CA SER A 190 4.83 1.52 18.63
C SER A 190 4.25 0.22 18.11
N SER A 191 5.15 -0.65 17.61
CA SER A 191 4.63 -2.01 17.34
C SER A 191 4.01 -2.76 18.52
N LEU A 192 4.40 -2.31 19.71
CA LEU A 192 3.98 -2.97 20.95
C LEU A 192 2.95 -2.19 21.76
N PHE A 193 2.50 -1.07 21.17
CA PHE A 193 1.32 -0.40 21.72
C PHE A 193 0.09 -1.29 21.90
N PRO A 194 -0.46 -1.35 23.14
CA PRO A 194 -1.52 -2.34 23.41
C PRO A 194 -2.74 -2.33 22.46
N GLY A 195 -3.04 -1.13 21.93
CA GLY A 195 -4.08 -0.98 20.91
C GLY A 195 -3.80 -1.66 19.57
N HIS A 196 -2.53 -1.53 19.12
CA HIS A 196 -2.11 -2.36 17.97
C HIS A 196 -2.05 -3.85 18.26
N VAL A 197 -1.39 -4.17 19.39
CA VAL A 197 -1.32 -5.64 19.60
C VAL A 197 -2.61 -6.37 19.97
N GLN A 198 -3.52 -5.70 20.72
CA GLN A 198 -4.87 -6.28 20.66
C GLN A 198 -5.61 -6.31 19.30
N ALA A 199 -5.34 -5.31 18.47
CA ALA A 199 -5.86 -5.39 17.09
C ALA A 199 -5.44 -6.57 16.22
N TYR A 200 -4.13 -6.79 16.16
CA TYR A 200 -3.61 -7.96 15.42
C TYR A 200 -3.94 -9.33 15.99
N ALA A 201 -3.92 -9.39 17.33
CA ALA A 201 -4.53 -10.58 17.94
C ALA A 201 -6.02 -10.84 17.62
N GLU A 202 -6.84 -9.77 17.71
CA GLU A 202 -8.21 -9.91 17.18
C GLU A 202 -8.34 -10.37 15.72
N ALA A 203 -7.53 -9.73 14.86
CA ALA A 203 -7.31 -10.30 13.51
C ALA A 203 -7.03 -11.79 13.37
N VAL A 204 -5.96 -12.29 14.01
CA VAL A 204 -5.76 -13.75 14.14
C VAL A 204 -6.98 -14.57 14.59
N LYS A 205 -7.59 -14.06 15.70
CA LYS A 205 -8.87 -14.63 16.22
C LYS A 205 -10.05 -14.66 15.22
N SER A 206 -10.04 -13.67 14.35
CA SER A 206 -11.18 -13.64 13.44
C SER A 206 -10.87 -14.03 12.02
N GLY A 207 -9.73 -14.68 11.83
CA GLY A 207 -9.30 -14.85 10.42
C GLY A 207 -9.15 -13.61 9.51
N VAL A 208 -8.69 -12.50 10.08
CA VAL A 208 -8.15 -11.71 8.99
C VAL A 208 -6.66 -11.57 8.83
N HIS A 209 -6.36 -11.72 7.57
CA HIS A 209 -4.99 -11.57 7.11
C HIS A 209 -4.21 -10.34 7.60
N ARG A 210 -2.93 -10.58 7.87
CA ARG A 210 -2.14 -9.45 8.37
C ARG A 210 -0.94 -9.06 7.51
N THR A 211 -0.86 -7.74 7.28
CA THR A 211 0.43 -7.20 6.81
C THR A 211 0.88 -6.00 7.65
N VAL A 212 2.18 -5.72 7.69
CA VAL A 212 2.63 -4.57 8.50
C VAL A 212 3.74 -3.80 7.82
N HIS A 213 3.72 -2.47 7.88
CA HIS A 213 4.92 -1.80 7.36
C HIS A 213 6.38 -2.05 7.76
N ALA A 214 6.82 -2.08 9.02
CA ALA A 214 8.17 -2.56 9.37
C ALA A 214 9.36 -2.65 8.34
N GLY A 215 10.45 -1.92 8.61
CA GLY A 215 11.70 -2.19 7.86
C GLY A 215 12.01 -1.41 6.55
N GLU A 216 11.08 -0.55 6.15
CA GLU A 216 11.53 0.51 5.22
C GLU A 216 12.47 1.55 5.83
N VAL A 217 12.04 2.02 7.02
CA VAL A 217 12.83 3.04 7.75
C VAL A 217 13.21 2.69 9.20
N GLY A 218 12.46 1.71 9.72
CA GLY A 218 12.91 1.25 11.03
C GLY A 218 13.88 0.10 10.99
N SER A 219 14.52 -0.08 12.15
CA SER A 219 15.48 -1.19 12.32
C SER A 219 14.91 -2.60 12.10
N ALA A 220 15.81 -3.56 11.90
CA ALA A 220 15.35 -4.96 12.04
C ALA A 220 14.52 -5.36 13.29
N ASN A 221 14.78 -4.64 14.42
CA ASN A 221 13.90 -4.85 15.58
C ASN A 221 12.40 -4.66 15.34
N VAL A 222 12.10 -3.66 14.49
CA VAL A 222 10.70 -3.47 14.12
C VAL A 222 10.12 -4.61 13.29
N VAL A 223 10.98 -5.12 12.39
CA VAL A 223 10.54 -6.34 11.68
C VAL A 223 10.26 -7.54 12.59
N LYS A 224 11.23 -7.77 13.50
CA LYS A 224 10.94 -8.83 14.46
C LYS A 224 9.71 -8.60 15.34
N GLU A 225 9.44 -7.33 15.69
CA GLU A 225 8.11 -7.04 16.26
C GLU A 225 6.86 -7.39 15.43
N ALA A 226 6.89 -6.99 14.16
CA ALA A 226 5.80 -7.41 13.24
C ALA A 226 5.49 -8.90 13.16
N VAL A 227 6.58 -9.66 12.97
CA VAL A 227 6.50 -11.14 13.03
C VAL A 227 6.08 -11.75 14.38
N ASP A 228 6.89 -11.45 15.40
CA ASP A 228 6.65 -12.14 16.67
C ASP A 228 5.50 -11.66 17.56
N THR A 229 5.35 -10.32 17.63
CA THR A 229 4.18 -9.84 18.40
C THR A 229 2.85 -9.65 17.68
N LEU A 230 2.96 -8.96 16.54
CA LEU A 230 1.70 -8.82 15.80
C LEU A 230 1.31 -9.98 14.86
N LYS A 231 2.25 -10.94 14.76
CA LYS A 231 2.03 -12.12 13.91
C LYS A 231 1.70 -11.84 12.42
N THR A 232 2.38 -10.84 11.81
CA THR A 232 2.15 -10.67 10.35
C THR A 232 2.35 -11.82 9.44
N GLU A 233 1.52 -11.82 8.39
CA GLU A 233 1.88 -12.77 7.33
C GLU A 233 2.74 -12.24 6.20
N ARG A 234 2.66 -10.91 6.09
CA ARG A 234 3.59 -10.25 5.15
C ARG A 234 4.20 -8.96 5.68
N LEU A 235 5.36 -8.66 5.10
CA LEU A 235 6.03 -7.41 5.50
C LEU A 235 5.94 -6.34 4.47
N GLY A 236 5.46 -5.16 4.86
CA GLY A 236 5.57 -4.06 3.91
C GLY A 236 6.94 -3.44 3.78
N HIS A 237 7.54 -3.63 2.63
CA HIS A 237 8.98 -3.36 2.48
C HIS A 237 9.91 -4.38 3.14
N GLY A 238 10.02 -4.27 4.49
CA GLY A 238 11.03 -5.16 5.12
C GLY A 238 12.53 -4.99 4.83
N TYR A 239 12.94 -3.84 4.26
CA TYR A 239 14.37 -3.93 3.86
C TYR A 239 15.43 -4.05 4.94
N HIS A 240 15.22 -3.32 6.04
CA HIS A 240 16.14 -3.56 7.17
C HIS A 240 16.29 -4.96 7.80
N THR A 241 15.42 -5.91 7.39
CA THR A 241 15.67 -7.28 7.93
C THR A 241 17.03 -7.88 7.58
N LEU A 242 17.61 -7.37 6.48
CA LEU A 242 19.03 -7.67 6.18
C LEU A 242 20.08 -7.33 7.26
N GLU A 243 19.80 -6.29 8.06
CA GLU A 243 20.74 -6.04 9.17
C GLU A 243 20.70 -7.00 10.39
N ASP A 244 19.79 -7.97 10.32
CA ASP A 244 19.88 -9.05 11.32
C ASP A 244 19.77 -10.46 10.72
N THR A 245 20.90 -11.16 10.68
CA THR A 245 20.84 -12.35 9.81
C THR A 245 20.16 -13.64 10.24
N THR A 246 20.13 -13.97 11.53
CA THR A 246 19.19 -15.03 11.97
C THR A 246 17.70 -14.81 11.65
N LEU A 247 17.32 -13.52 11.77
CA LEU A 247 15.99 -13.07 11.37
C LEU A 247 15.72 -13.12 9.89
N TYR A 248 16.70 -12.58 9.14
CA TYR A 248 16.69 -12.93 7.72
C TYR A 248 16.70 -14.43 7.38
N ASN A 249 17.51 -15.20 8.11
CA ASN A 249 17.54 -16.65 7.83
C ASN A 249 16.23 -17.39 8.15
N ARG A 250 15.67 -17.04 9.28
CA ARG A 250 14.38 -17.62 9.61
C ARG A 250 13.16 -17.16 8.80
N LEU A 251 13.18 -15.86 8.44
CA LEU A 251 12.14 -15.36 7.52
C LEU A 251 12.19 -15.89 6.10
N ARG A 252 13.43 -16.00 5.59
CA ARG A 252 13.52 -16.79 4.35
C ARG A 252 13.04 -18.23 4.46
N GLN A 253 13.24 -18.74 5.68
CA GLN A 253 12.77 -20.10 5.74
C GLN A 253 11.32 -20.35 6.14
N GLU A 254 10.67 -19.37 6.78
CA GLU A 254 9.22 -19.61 6.81
C GLU A 254 8.41 -19.02 5.67
N ASN A 255 9.07 -18.94 4.49
CA ASN A 255 8.47 -18.38 3.29
C ASN A 255 7.81 -17.01 3.37
N MET A 256 8.30 -16.24 4.36
CA MET A 256 7.85 -14.86 4.51
C MET A 256 7.87 -14.01 3.25
N HIS A 257 6.70 -13.41 3.06
CA HIS A 257 6.57 -12.48 1.97
C HIS A 257 6.95 -11.00 2.19
N PHE A 258 7.83 -10.52 1.28
CA PHE A 258 8.13 -9.09 1.31
C PHE A 258 7.49 -8.25 0.21
N GLU A 259 6.82 -7.22 0.70
CA GLU A 259 6.27 -6.21 -0.20
C GLU A 259 7.26 -5.15 -0.70
N ILE A 260 8.00 -5.51 -1.76
CA ILE A 260 9.02 -4.52 -2.15
C ILE A 260 8.56 -3.34 -2.98
N CYS A 261 9.19 -2.24 -2.66
CA CYS A 261 8.88 -1.10 -3.49
C CYS A 261 10.12 -0.34 -3.94
N PRO A 262 10.73 -0.70 -5.11
CA PRO A 262 12.09 -0.20 -5.42
C PRO A 262 12.20 1.32 -5.56
N TRP A 263 11.32 1.78 -6.44
CA TRP A 263 11.26 3.22 -6.75
C TRP A 263 10.81 4.10 -5.57
N SER A 264 9.69 3.69 -4.90
CA SER A 264 9.48 4.20 -3.53
C SER A 264 10.70 4.32 -2.64
N SER A 265 11.53 3.26 -2.63
CA SER A 265 12.69 3.43 -1.75
C SER A 265 13.84 4.29 -2.21
N TYR A 266 13.96 4.62 -3.53
CA TYR A 266 15.06 5.62 -3.71
C TYR A 266 14.48 6.94 -3.35
N LEU A 267 13.29 7.12 -3.93
CA LEU A 267 12.64 8.40 -3.65
C LEU A 267 12.51 8.84 -2.17
N THR A 268 12.13 7.88 -1.33
CA THR A 268 12.15 8.15 0.12
C THR A 268 13.45 8.22 0.91
N GLY A 269 14.57 7.77 0.34
CA GLY A 269 15.71 7.55 1.25
C GLY A 269 15.85 6.19 1.93
N ALA A 270 14.70 5.48 2.15
CA ALA A 270 14.81 4.06 2.59
C ALA A 270 15.90 3.17 1.98
N TRP A 271 16.12 3.42 0.70
CA TRP A 271 17.39 2.87 0.18
C TRP A 271 18.42 3.93 -0.16
N LYS A 272 19.62 3.72 0.40
CA LYS A 272 20.66 4.59 -0.18
C LYS A 272 21.30 4.06 -1.43
N PRO A 273 21.33 4.91 -2.49
CA PRO A 273 21.51 4.39 -3.85
C PRO A 273 22.94 3.97 -4.28
N ASP A 274 23.82 4.14 -3.29
CA ASP A 274 25.24 3.70 -3.28
C ASP A 274 25.41 2.30 -2.69
N THR A 275 24.30 1.58 -2.70
CA THR A 275 24.32 0.40 -1.84
C THR A 275 23.62 -0.77 -2.57
N GLU A 276 24.00 -2.03 -2.27
CA GLU A 276 23.18 -3.17 -2.76
C GLU A 276 21.70 -2.87 -2.56
N HIS A 277 20.96 -2.59 -3.65
CA HIS A 277 19.54 -2.51 -3.30
C HIS A 277 19.00 -3.78 -2.66
N ALA A 278 18.34 -3.67 -1.49
CA ALA A 278 17.71 -4.88 -0.92
C ALA A 278 17.15 -5.93 -1.86
N VAL A 279 16.32 -5.47 -2.80
CA VAL A 279 15.82 -6.35 -3.87
C VAL A 279 16.78 -7.22 -4.71
N ILE A 280 17.99 -6.69 -4.99
CA ILE A 280 18.92 -7.61 -5.67
C ILE A 280 19.40 -8.79 -4.85
N ARG A 281 19.66 -8.51 -3.56
CA ARG A 281 19.94 -9.58 -2.58
C ARG A 281 18.76 -10.57 -2.37
N PHE A 282 17.61 -9.92 -2.18
CA PHE A 282 16.37 -10.67 -2.14
C PHE A 282 16.19 -11.66 -3.33
N LYS A 283 16.44 -11.12 -4.53
CA LYS A 283 16.50 -12.00 -5.72
C LYS A 283 17.65 -13.04 -5.78
N ASN A 284 18.90 -12.57 -5.59
CA ASN A 284 19.95 -13.56 -5.31
C ASN A 284 19.69 -14.66 -4.26
N ASP A 285 18.87 -14.31 -3.28
CA ASP A 285 18.54 -15.38 -2.35
C ASP A 285 17.22 -16.11 -2.58
N GLN A 286 16.55 -15.76 -3.68
CA GLN A 286 15.27 -16.39 -3.94
C GLN A 286 14.12 -16.26 -2.94
N VAL A 287 14.12 -15.05 -2.40
CA VAL A 287 13.00 -14.70 -1.55
C VAL A 287 11.64 -14.66 -2.25
N ASN A 288 10.69 -14.95 -1.38
CA ASN A 288 9.34 -14.48 -1.65
C ASN A 288 9.08 -12.94 -1.57
N TYR A 289 9.02 -12.34 -2.78
CA TYR A 289 8.70 -10.90 -2.92
C TYR A 289 7.86 -10.37 -4.04
N SER A 290 7.18 -9.26 -3.76
CA SER A 290 6.58 -8.53 -4.89
C SER A 290 7.25 -7.24 -5.30
N LEU A 291 6.88 -6.87 -6.52
CA LEU A 291 7.16 -5.51 -6.99
C LEU A 291 6.00 -4.57 -6.94
N ASN A 292 6.32 -3.41 -6.40
CA ASN A 292 5.18 -2.63 -5.95
C ASN A 292 5.40 -1.13 -6.15
N THR A 293 4.26 -0.43 -6.25
CA THR A 293 4.26 1.00 -6.57
C THR A 293 4.36 1.95 -5.34
N ASP A 294 3.72 1.48 -4.27
CA ASP A 294 3.52 2.28 -3.08
C ASP A 294 2.60 3.50 -3.16
N ASP A 295 3.06 4.53 -3.88
CA ASP A 295 2.30 5.80 -4.03
C ASP A 295 2.60 6.54 -5.35
N PRO A 296 1.88 6.16 -6.44
CA PRO A 296 2.29 6.73 -7.73
C PRO A 296 2.14 8.24 -7.87
N LEU A 297 1.11 8.77 -7.21
CA LEU A 297 1.00 10.25 -7.20
C LEU A 297 2.25 10.98 -6.71
N ILE A 298 2.63 10.48 -5.54
CA ILE A 298 3.76 11.06 -4.81
C ILE A 298 5.12 10.74 -5.44
N PHE A 299 5.21 9.50 -5.88
CA PHE A 299 6.49 9.11 -6.45
C PHE A 299 6.62 9.36 -7.97
N LYS A 300 5.57 10.05 -8.52
CA LYS A 300 5.41 10.26 -9.99
C LYS A 300 5.50 8.97 -10.81
N SER A 301 4.76 8.01 -10.28
CA SER A 301 5.01 6.66 -10.79
C SER A 301 3.89 5.96 -11.56
N THR A 302 4.33 4.83 -12.08
CA THR A 302 3.43 3.72 -12.46
C THR A 302 4.10 2.37 -12.12
N LEU A 303 3.36 1.27 -12.20
CA LEU A 303 4.10 -0.01 -11.97
C LEU A 303 5.31 -0.27 -12.88
N ASP A 304 5.09 0.11 -14.15
CA ASP A 304 6.19 0.01 -15.10
C ASP A 304 7.45 0.78 -14.74
N THR A 305 7.28 1.91 -14.09
CA THR A 305 8.39 2.59 -13.40
C THR A 305 9.21 1.71 -12.48
N ASP A 306 8.48 0.96 -11.63
CA ASP A 306 9.21 0.04 -10.76
C ASP A 306 10.03 -1.03 -11.44
N TYR A 307 9.30 -1.58 -12.41
CA TYR A 307 9.86 -2.61 -13.28
C TYR A 307 11.00 -2.17 -14.18
N GLN A 308 10.85 -0.94 -14.70
CA GLN A 308 11.98 -0.36 -15.46
C GLN A 308 13.25 -0.22 -14.61
N MET A 309 13.05 0.22 -13.37
CA MET A 309 14.20 0.30 -12.44
C MET A 309 14.98 -0.98 -12.19
N THR A 310 14.20 -1.98 -11.77
CA THR A 310 14.91 -3.25 -11.57
C THR A 310 15.40 -3.89 -12.87
N LYS A 311 14.73 -3.53 -13.99
CA LYS A 311 15.23 -4.12 -15.26
C LYS A 311 16.50 -3.45 -15.73
N LYS A 312 16.36 -2.13 -15.90
CA LYS A 312 17.59 -1.41 -16.31
C LYS A 312 18.76 -1.31 -15.33
N ASP A 313 18.43 -1.05 -14.07
CA ASP A 313 19.62 -1.01 -13.20
C ASP A 313 19.96 -2.18 -12.26
N MET A 314 19.04 -3.14 -12.25
CA MET A 314 19.38 -4.26 -11.36
C MET A 314 19.51 -5.62 -12.03
N GLY A 315 19.56 -5.59 -13.37
CA GLY A 315 19.80 -6.87 -14.04
C GLY A 315 18.61 -7.84 -14.07
N PHE A 316 17.48 -7.38 -13.47
CA PHE A 316 16.40 -8.38 -13.57
C PHE A 316 15.85 -8.62 -14.96
N THR A 317 14.91 -9.55 -14.91
CA THR A 317 14.89 -10.48 -16.03
C THR A 317 13.50 -11.00 -16.15
N GLU A 318 13.08 -11.28 -17.37
CA GLU A 318 11.69 -11.68 -17.42
C GLU A 318 11.27 -12.93 -16.61
N GLU A 319 12.10 -13.98 -16.67
CA GLU A 319 11.83 -15.05 -15.69
C GLU A 319 11.70 -14.70 -14.19
N GLU A 320 12.58 -13.82 -13.69
CA GLU A 320 12.26 -13.35 -12.33
C GLU A 320 10.94 -12.58 -12.21
N PHE A 321 10.77 -11.68 -13.15
CA PHE A 321 9.46 -11.01 -13.27
C PHE A 321 8.22 -11.90 -13.16
N LYS A 322 8.25 -12.96 -13.98
CA LYS A 322 7.29 -14.06 -13.86
C LYS A 322 7.23 -14.74 -12.48
N ARG A 323 8.43 -15.04 -11.95
CA ARG A 323 8.56 -15.71 -10.63
C ARG A 323 7.98 -14.94 -9.43
N LEU A 324 8.32 -13.66 -9.47
CA LEU A 324 7.93 -12.76 -8.41
C LEU A 324 6.44 -12.39 -8.34
N ASN A 325 5.90 -12.15 -9.53
CA ASN A 325 4.44 -12.17 -9.65
C ASN A 325 3.72 -13.46 -9.27
N ILE A 326 4.33 -14.62 -9.63
CA ILE A 326 3.81 -15.88 -9.02
C ILE A 326 3.91 -16.03 -7.49
N ASN A 327 5.02 -15.52 -6.92
CA ASN A 327 5.06 -15.35 -5.46
C ASN A 327 3.95 -14.44 -4.89
N ALA A 328 3.68 -13.35 -5.62
CA ALA A 328 2.62 -12.40 -5.20
C ALA A 328 1.22 -12.97 -5.17
N ALA A 329 0.96 -13.69 -6.25
CA ALA A 329 -0.23 -14.51 -6.20
C ALA A 329 -0.31 -15.60 -5.11
N LYS A 330 0.75 -16.41 -4.95
CA LYS A 330 0.74 -17.32 -3.78
C LYS A 330 0.59 -16.69 -2.41
N SER A 331 1.10 -15.46 -2.33
CA SER A 331 1.08 -14.78 -1.03
C SER A 331 -0.06 -13.78 -0.83
N SER A 332 -1.03 -13.89 -1.74
CA SER A 332 -2.13 -12.93 -1.63
C SER A 332 -3.11 -13.26 -0.53
N PHE A 333 -3.83 -12.23 -0.10
CA PHE A 333 -4.86 -12.55 0.89
C PHE A 333 -6.24 -13.01 0.36
N LEU A 334 -6.22 -13.70 -0.80
CA LEU A 334 -7.44 -14.24 -1.44
C LEU A 334 -7.87 -15.55 -0.72
N PRO A 335 -9.15 -15.98 -0.80
CA PRO A 335 -9.38 -17.37 -0.35
C PRO A 335 -8.70 -18.36 -1.30
N GLU A 336 -8.26 -19.57 -0.81
CA GLU A 336 -7.43 -20.41 -1.72
C GLU A 336 -8.06 -20.83 -3.03
N ASP A 337 -9.36 -21.12 -2.98
CA ASP A 337 -9.99 -21.39 -4.28
C ASP A 337 -9.81 -20.31 -5.36
N GLU A 338 -9.82 -19.08 -4.85
CA GLU A 338 -9.40 -17.98 -5.71
C GLU A 338 -7.91 -17.61 -5.87
N LYS A 339 -7.07 -18.00 -4.92
CA LYS A 339 -5.66 -17.85 -5.29
C LYS A 339 -5.28 -18.74 -6.46
N LYS A 340 -5.86 -19.94 -6.36
CA LYS A 340 -5.51 -20.95 -7.35
C LYS A 340 -6.00 -20.59 -8.76
N GLU A 341 -7.26 -20.13 -8.79
CA GLU A 341 -7.70 -19.36 -9.94
C GLU A 341 -6.85 -18.15 -10.41
N LEU A 342 -6.38 -17.34 -9.44
CA LEU A 342 -5.36 -16.35 -9.89
C LEU A 342 -4.07 -16.90 -10.58
N LEU A 343 -3.63 -17.94 -9.92
CA LEU A 343 -2.35 -18.52 -10.28
C LEU A 343 -2.37 -19.31 -11.59
N ASP A 344 -3.46 -20.07 -11.78
CA ASP A 344 -3.69 -20.69 -13.07
C ASP A 344 -3.85 -19.69 -14.24
N LEU A 345 -4.47 -18.52 -13.96
CA LEU A 345 -4.40 -17.45 -14.98
C LEU A 345 -2.94 -16.99 -15.33
N LEU A 346 -2.21 -16.69 -14.25
CA LEU A 346 -0.80 -16.29 -14.40
C LEU A 346 0.10 -17.22 -15.18
N TYR A 347 0.02 -18.51 -14.79
CA TYR A 347 0.77 -19.56 -15.49
C TYR A 347 0.48 -19.67 -16.95
N LYS A 348 -0.83 -19.79 -17.27
CA LYS A 348 -1.23 -19.73 -18.69
C LYS A 348 -0.67 -18.55 -19.48
N ALA A 349 -0.95 -17.36 -18.92
CA ALA A 349 -0.30 -16.15 -19.43
C ALA A 349 1.22 -16.15 -19.52
N TYR A 350 1.83 -16.81 -18.54
CA TYR A 350 3.29 -16.87 -18.62
C TYR A 350 3.92 -17.85 -19.63
N ARG A 351 3.09 -18.51 -20.43
CA ARG A 351 3.81 -19.51 -21.24
C ARG A 351 3.84 -19.40 -22.77
#